data_6XA5
#
_entry.id   6XA5
#
_cell.length_a   45.270
_cell.length_b   50.640
_cell.length_c   79.430
_cell.angle_alpha   90.000
_cell.angle_beta   90.000
_cell.angle_gamma   90.000
#
_symmetry.space_group_name_H-M   'P 21 21 21'
#
loop_
_entity.id
_entity.type
_entity.pdbx_description
1 polymer 'Antifreeze protein'
2 branched alpha-D-glucopyranose-(1-1)-alpha-D-glucopyranose
3 non-polymer 'CALCIUM ION'
4 water water
#
_entity_poly.entity_id   1
_entity_poly.type   'polypeptide(L)'
_entity_poly.pdbx_seq_one_letter_code
;AQDDSTPDSLFAGLVGEYYGTNSQLNNISDFRALVDSKEADATFEAANISYGRGSSDVAKGTHLQEFLGSDASTLSTDPG
DNTDGGIYLQGYVYLEAGTYNFKVTADDGYEITINGNPVATVDNNQSVYTVTHASFTISESGYQAIDMIWWDQGGDYVFQ
PTLSADGGSTYFVLDSAILSSTGETPYT
;
_entity_poly.pdbx_strand_id   A
#
loop_
_chem_comp.id
_chem_comp.type
_chem_comp.name
_chem_comp.formula
CA non-polymer 'CALCIUM ION' 'Ca 2'
GLC D-saccharide, alpha linking alpha-D-glucopyranose 'C6 H12 O6'
#
# COMPACT_ATOMS: atom_id res chain seq x y z
N ALA A 1 16.38 -3.97 -8.45
CA ALA A 1 17.84 -3.96 -8.48
C ALA A 1 18.37 -2.59 -8.08
N GLN A 2 19.58 -2.56 -7.54
CA GLN A 2 20.26 -1.29 -7.25
C GLN A 2 20.25 -0.44 -8.51
N ASP A 3 19.90 0.85 -8.35
CA ASP A 3 19.88 1.74 -9.50
C ASP A 3 20.51 3.10 -9.24
N ASP A 4 21.22 3.28 -8.13
CA ASP A 4 21.93 4.54 -7.88
C ASP A 4 23.10 4.27 -6.95
N SER A 5 23.68 5.31 -6.31
CA SER A 5 24.82 5.28 -5.37
C SER A 5 24.41 5.18 -3.90
N THR A 6 23.14 4.89 -3.60
CA THR A 6 22.66 4.82 -2.22
C THR A 6 22.35 3.35 -1.87
N PRO A 7 23.00 2.75 -0.85
CA PRO A 7 22.61 1.41 -0.43
C PRO A 7 21.17 1.43 0.06
N ASP A 8 20.43 0.38 -0.21
CA ASP A 8 18.99 0.37 0.11
C ASP A 8 18.71 -0.58 1.27
N SER A 9 17.89 -0.18 2.22
CA SER A 9 17.57 -1.10 3.33
C SER A 9 16.92 -2.39 2.79
N LEU A 10 17.40 -3.55 3.22
CA LEU A 10 16.79 -4.84 2.93
C LEU A 10 15.97 -5.25 4.14
N PHE A 11 14.66 -5.37 3.95
CA PHE A 11 13.76 -5.83 4.99
C PHE A 11 12.60 -6.56 4.33
N ALA A 12 11.87 -7.32 5.14
CA ALA A 12 10.75 -8.15 4.67
C ALA A 12 9.50 -7.28 4.70
N GLY A 13 9.36 -6.43 3.68
CA GLY A 13 8.28 -5.46 3.58
C GLY A 13 8.48 -4.63 2.34
N LEU A 14 7.51 -3.74 2.11
CA LEU A 14 7.64 -2.75 1.06
C LEU A 14 8.16 -1.43 1.63
N VAL A 15 8.83 -0.66 0.78
CA VAL A 15 9.23 0.70 1.14
C VAL A 15 7.98 1.56 1.18
N GLY A 16 7.67 2.16 2.33
CA GLY A 16 6.50 2.99 2.50
C GLY A 16 6.84 4.46 2.58
N GLU A 17 6.01 5.26 1.92
CA GLU A 17 6.06 6.71 1.98
C GLU A 17 4.66 7.23 2.28
N TYR A 18 4.56 8.17 3.20
CA TYR A 18 3.32 8.86 3.53
C TYR A 18 3.41 10.30 3.04
N TYR A 19 2.31 10.78 2.45
CA TYR A 19 2.17 12.15 2.01
C TYR A 19 0.88 12.73 2.52
N GLY A 20 0.95 13.92 3.09
CA GLY A 20 -0.22 14.68 3.49
C GLY A 20 -0.41 15.92 2.65
N THR A 21 -1.64 16.43 2.63
CA THR A 21 -1.95 17.65 1.89
C THR A 21 -3.20 18.30 2.49
N ASN A 22 -3.35 19.60 2.24
CA ASN A 22 -4.57 20.32 2.60
C ASN A 22 -5.44 20.61 1.39
N SER A 23 -5.13 20.02 0.25
CA SER A 23 -5.98 19.96 -0.91
C SER A 23 -6.79 18.69 -0.90
N GLN A 24 -7.86 18.66 -1.71
CA GLN A 24 -8.73 17.49 -1.77
C GLN A 24 -8.13 16.42 -2.68
N LEU A 25 -8.13 15.20 -2.18
CA LEU A 25 -7.79 14.03 -2.98
C LEU A 25 -9.09 13.38 -3.45
N ASN A 26 -9.35 13.42 -4.76
CA ASN A 26 -10.56 12.84 -5.33
C ASN A 26 -10.34 11.54 -6.07
N ASN A 27 -9.12 11.21 -6.45
CA ASN A 27 -8.88 10.11 -7.36
C ASN A 27 -7.39 9.78 -7.33
N ILE A 28 -7.04 8.74 -8.09
CA ILE A 28 -5.67 8.26 -8.11
C ILE A 28 -4.72 9.33 -8.62
N SER A 29 -5.12 10.02 -9.70
CA SER A 29 -4.29 11.06 -10.27
C SER A 29 -3.92 12.11 -9.24
N ASP A 30 -4.88 12.53 -8.42
CA ASP A 30 -4.59 13.54 -7.41
C ASP A 30 -3.52 13.05 -6.44
N PHE A 31 -3.65 11.80 -5.99
CA PHE A 31 -2.67 11.31 -5.04
C PHE A 31 -1.29 11.14 -5.70
N ARG A 32 -1.24 10.60 -6.92
CA ARG A 32 0.04 10.46 -7.60
C ARG A 32 0.70 11.83 -7.80
N ALA A 33 -0.10 12.86 -8.13
CA ALA A 33 0.47 14.20 -8.28
C ALA A 33 1.04 14.70 -6.96
N LEU A 34 0.37 14.40 -5.84
CA LEU A 34 0.91 14.76 -4.53
C LEU A 34 2.28 14.10 -4.31
N VAL A 35 2.36 12.80 -4.58
CA VAL A 35 3.61 12.07 -4.42
C VAL A 35 4.70 12.73 -5.26
N ASP A 36 4.38 13.12 -6.50
CA ASP A 36 5.33 13.75 -7.40
C ASP A 36 5.81 15.11 -6.93
N SER A 37 5.01 15.79 -6.10
CA SER A 37 5.21 17.20 -5.84
C SER A 37 6.23 17.51 -4.77
N LYS A 38 6.64 16.53 -3.96
CA LYS A 38 7.48 16.83 -2.81
C LYS A 38 8.09 15.55 -2.30
N GLU A 39 9.00 15.69 -1.35
CA GLU A 39 9.50 14.54 -0.61
C GLU A 39 8.44 14.03 0.36
N ALA A 40 8.52 12.73 0.67
CA ALA A 40 7.56 12.13 1.58
C ALA A 40 7.57 12.86 2.91
N ASP A 41 6.38 13.02 3.49
CA ASP A 41 6.27 13.54 4.84
C ASP A 41 6.76 12.55 5.90
N ALA A 42 6.73 11.26 5.61
CA ALA A 42 7.34 10.25 6.47
C ALA A 42 7.60 9.02 5.63
N THR A 43 8.59 8.23 6.04
CA THR A 43 8.82 6.91 5.46
C THR A 43 8.62 5.86 6.54
N PHE A 44 8.40 4.62 6.09
CA PHE A 44 8.18 3.49 7.00
C PHE A 44 8.40 2.20 6.23
N GLU A 45 8.48 1.11 6.97
CA GLU A 45 8.55 -0.24 6.42
C GLU A 45 7.15 -0.84 6.47
N ALA A 46 6.62 -1.22 5.31
CA ALA A 46 5.27 -1.81 5.21
C ALA A 46 5.41 -3.32 5.22
N ALA A 47 5.42 -3.90 6.42
CA ALA A 47 5.62 -5.33 6.61
C ALA A 47 4.35 -6.08 6.93
N ASN A 48 3.22 -5.40 7.16
CA ASN A 48 1.97 -6.10 7.47
C ASN A 48 0.86 -5.22 6.93
N ILE A 49 0.50 -5.44 5.67
CA ILE A 49 -0.29 -4.44 4.90
C ILE A 49 -1.78 -4.73 5.16
N SER A 50 -2.21 -4.33 6.37
CA SER A 50 -3.60 -4.42 6.81
C SER A 50 -3.75 -3.28 7.79
N TYR A 51 -4.30 -2.17 7.32
CA TYR A 51 -4.23 -0.90 8.03
C TYR A 51 -5.62 -0.40 8.37
N GLY A 52 -5.76 0.23 9.52
CA GLY A 52 -7.04 0.73 9.96
C GLY A 52 -7.91 -0.40 10.51
N ARG A 53 -9.21 -0.13 10.71
CA ARG A 53 -9.97 1.08 10.41
C ARG A 53 -9.87 2.12 11.50
N GLY A 54 -9.99 3.39 11.14
CA GLY A 54 -10.09 4.47 12.10
C GLY A 54 -10.97 5.58 11.56
N SER A 55 -11.11 6.61 12.39
CA SER A 55 -11.97 7.75 12.13
C SER A 55 -11.25 9.07 12.31
N SER A 56 -11.89 10.14 11.86
CA SER A 56 -11.45 11.50 12.14
C SER A 56 -10.14 11.87 11.42
N ASP A 57 -9.98 11.36 10.20
CA ASP A 57 -8.99 11.79 9.19
C ASP A 57 -7.62 11.13 9.41
N VAL A 58 -7.12 10.36 8.45
CA VAL A 58 -5.84 9.68 8.66
C VAL A 58 -4.72 10.66 8.89
N ALA A 59 -4.84 11.87 8.34
CA ALA A 59 -3.75 12.85 8.29
C ALA A 59 -3.69 13.72 9.53
N LYS A 60 -4.60 13.54 10.49
CA LYS A 60 -4.65 14.33 11.70
C LYS A 60 -4.07 13.56 12.89
N GLY A 61 -3.44 14.32 13.79
CA GLY A 61 -3.03 13.76 15.08
C GLY A 61 -2.18 12.53 14.92
N THR A 62 -2.51 11.50 15.71
CA THR A 62 -1.79 10.24 15.70
C THR A 62 -2.54 9.18 14.91
N HIS A 63 -3.46 9.58 14.03
CA HIS A 63 -4.27 8.62 13.28
C HIS A 63 -3.43 7.78 12.34
N LEU A 64 -2.38 8.35 11.74
CA LEU A 64 -1.54 7.55 10.85
C LEU A 64 -0.87 6.43 11.62
N GLN A 65 -0.35 6.74 12.81
CA GLN A 65 0.29 5.74 13.63
C GLN A 65 -0.68 4.61 13.95
N GLU A 66 -1.92 4.97 14.32
CA GLU A 66 -2.91 3.98 14.65
C GLU A 66 -3.24 3.11 13.43
N PHE A 67 -3.40 3.75 12.28
CA PHE A 67 -3.70 3.08 11.01
C PHE A 67 -2.62 2.07 10.66
N LEU A 68 -1.34 2.47 10.75
CA LEU A 68 -0.24 1.61 10.36
C LEU A 68 0.03 0.51 11.39
N GLY A 69 -0.40 0.68 12.64
CA GLY A 69 -0.30 -0.34 13.66
C GLY A 69 1.11 -0.82 13.82
N SER A 70 1.28 -2.15 13.62
CA SER A 70 2.54 -2.86 13.75
C SER A 70 3.65 -2.31 12.89
N ASP A 71 3.37 -1.53 11.86
CA ASP A 71 4.37 -0.90 11.01
C ASP A 71 4.74 0.50 11.46
N ALA A 72 3.98 1.11 12.36
CA ALA A 72 4.23 2.49 12.76
C ALA A 72 5.54 2.70 13.52
N SER A 73 6.10 1.64 14.13
CA SER A 73 7.36 1.80 14.86
C SER A 73 8.54 2.07 13.93
N THR A 74 8.33 1.95 12.63
CA THR A 74 9.37 2.24 11.64
C THR A 74 9.20 3.62 11.02
N LEU A 75 8.26 4.43 11.49
CA LEU A 75 8.10 5.77 10.94
C LEU A 75 9.36 6.60 11.15
N SER A 76 9.73 7.33 10.11
CA SER A 76 10.91 8.20 10.17
C SER A 76 10.65 9.47 10.97
N THR A 77 9.40 9.91 10.99
N THR A 77 9.39 9.88 11.09
CA THR A 77 8.95 11.12 11.66
CA THR A 77 9.01 11.09 11.78
C THR A 77 7.49 10.92 12.07
C THR A 77 7.50 11.01 11.98
N ASP A 78 6.99 11.85 12.87
CA ASP A 78 5.56 11.99 13.11
C ASP A 78 5.10 13.18 12.29
N PRO A 79 4.40 12.97 11.18
CA PRO A 79 3.96 14.11 10.37
C PRO A 79 3.06 15.05 11.16
N GLY A 80 3.07 16.32 10.78
CA GLY A 80 2.10 17.26 11.29
C GLY A 80 0.73 17.00 10.69
N ASP A 81 -0.23 17.83 11.10
CA ASP A 81 -1.60 17.66 10.63
C ASP A 81 -1.73 18.07 9.17
N ASN A 82 -2.58 17.35 8.45
CA ASN A 82 -3.11 17.73 7.16
C ASN A 82 -4.57 17.29 7.11
N THR A 83 -5.32 17.74 6.11
CA THR A 83 -6.70 17.30 5.95
C THR A 83 -6.81 15.94 5.26
N ASP A 84 -5.92 15.70 4.29
CA ASP A 84 -5.98 14.55 3.41
C ASP A 84 -4.60 13.89 3.39
N GLY A 85 -4.53 12.60 3.13
CA GLY A 85 -3.21 11.99 3.05
C GLY A 85 -3.31 10.58 2.52
N GLY A 86 -2.15 10.00 2.23
CA GLY A 86 -2.14 8.65 1.70
C GLY A 86 -0.75 8.06 1.71
N ILE A 87 -0.65 6.83 1.22
CA ILE A 87 0.60 6.10 1.22
C ILE A 87 0.92 5.61 -0.18
N TYR A 88 2.23 5.50 -0.43
CA TYR A 88 2.81 4.92 -1.63
C TYR A 88 3.78 3.84 -1.15
N LEU A 89 3.52 2.59 -1.55
CA LEU A 89 4.34 1.46 -1.17
C LEU A 89 4.99 0.88 -2.41
N GLN A 90 6.25 0.48 -2.33
CA GLN A 90 6.90 -0.14 -3.48
C GLN A 90 7.95 -1.15 -3.03
N GLY A 91 8.07 -2.21 -3.81
CA GLY A 91 9.10 -3.20 -3.55
C GLY A 91 8.77 -4.46 -4.33
N TYR A 92 8.85 -5.60 -3.66
CA TYR A 92 8.74 -6.91 -4.31
C TYR A 92 7.92 -7.85 -3.46
N VAL A 93 7.29 -8.81 -4.12
CA VAL A 93 6.49 -9.84 -3.46
C VAL A 93 6.79 -11.19 -4.12
N TYR A 94 7.10 -12.19 -3.30
CA TYR A 94 7.40 -13.51 -3.83
C TYR A 94 6.09 -14.20 -4.20
N LEU A 95 5.94 -14.53 -5.49
CA LEU A 95 4.79 -15.27 -5.98
C LEU A 95 5.26 -16.35 -6.95
N GLU A 96 4.73 -17.56 -6.77
CA GLU A 96 4.94 -18.62 -7.74
C GLU A 96 4.13 -18.32 -9.00
N ALA A 97 4.59 -18.85 -10.14
CA ALA A 97 3.80 -18.72 -11.36
C ALA A 97 2.41 -19.29 -11.13
N GLY A 98 1.41 -18.63 -11.69
CA GLY A 98 0.05 -19.06 -11.54
C GLY A 98 -0.91 -17.89 -11.64
N THR A 99 -2.15 -18.12 -11.22
CA THR A 99 -3.23 -17.14 -11.30
C THR A 99 -3.58 -16.65 -9.91
N TYR A 100 -3.85 -15.34 -9.80
CA TYR A 100 -4.12 -14.70 -8.53
C TYR A 100 -5.21 -13.66 -8.71
N ASN A 101 -5.82 -13.25 -7.60
CA ASN A 101 -6.65 -12.04 -7.64
C ASN A 101 -6.66 -11.37 -6.28
N PHE A 102 -6.73 -10.05 -6.30
CA PHE A 102 -6.90 -9.26 -5.07
C PHE A 102 -8.37 -9.14 -4.68
N LYS A 103 -8.58 -8.98 -3.37
CA LYS A 103 -9.86 -8.60 -2.79
C LYS A 103 -9.49 -7.54 -1.75
N VAL A 104 -9.95 -6.31 -1.94
CA VAL A 104 -9.45 -5.16 -1.19
C VAL A 104 -10.60 -4.48 -0.47
N THR A 105 -10.41 -4.25 0.83
CA THR A 105 -11.33 -3.44 1.62
C THR A 105 -10.67 -2.08 1.83
N ALA A 106 -11.37 -0.99 1.49
CA ALA A 106 -10.73 0.32 1.56
C ALA A 106 -11.74 1.44 1.73
N ASP A 107 -11.24 2.50 2.36
CA ASP A 107 -11.81 3.85 2.38
C ASP A 107 -10.55 4.72 2.45
N ASP A 108 -10.22 5.54 1.43
CA ASP A 108 -10.93 5.82 0.20
C ASP A 108 -10.47 4.88 -0.91
N GLY A 109 -9.87 5.39 -1.99
CA GLY A 109 -9.50 4.58 -3.13
C GLY A 109 -8.04 4.13 -3.09
N TYR A 110 -7.65 3.44 -4.17
CA TYR A 110 -6.36 2.78 -4.21
C TYR A 110 -6.04 2.31 -5.61
N GLU A 111 -4.76 1.98 -5.81
CA GLU A 111 -4.36 1.24 -7.01
C GLU A 111 -3.15 0.37 -6.66
N ILE A 112 -3.20 -0.89 -7.07
CA ILE A 112 -2.11 -1.84 -6.90
C ILE A 112 -1.66 -2.26 -8.28
N THR A 113 -0.34 -2.26 -8.50
CA THR A 113 0.25 -2.76 -9.73
C THR A 113 1.23 -3.88 -9.40
N ILE A 114 1.33 -4.85 -10.31
CA ILE A 114 2.30 -5.92 -10.23
C ILE A 114 3.02 -5.95 -11.56
N ASN A 115 4.35 -5.95 -11.50
CA ASN A 115 5.19 -5.87 -12.68
C ASN A 115 4.72 -4.74 -13.58
N GLY A 116 4.33 -3.63 -12.95
CA GLY A 116 3.92 -2.42 -13.64
C GLY A 116 2.48 -2.40 -14.12
N ASN A 117 1.73 -3.50 -14.01
CA ASN A 117 0.39 -3.62 -14.57
C ASN A 117 -0.63 -3.42 -13.47
N PRO A 118 -1.61 -2.53 -13.63
CA PRO A 118 -2.65 -2.41 -12.60
C PRO A 118 -3.43 -3.71 -12.47
N VAL A 119 -3.61 -4.16 -11.24
CA VAL A 119 -4.35 -5.38 -10.93
C VAL A 119 -5.48 -5.14 -9.94
N ALA A 120 -5.56 -3.95 -9.35
CA ALA A 120 -6.68 -3.62 -8.47
C ALA A 120 -6.78 -2.10 -8.42
N THR A 121 -7.91 -1.55 -8.83
CA THR A 121 -8.07 -0.10 -8.99
C THR A 121 -9.42 0.32 -8.45
N VAL A 122 -9.44 1.34 -7.59
CA VAL A 122 -10.63 2.11 -7.25
C VAL A 122 -10.26 3.58 -7.37
N ASP A 123 -10.75 4.22 -8.42
CA ASP A 123 -10.33 5.56 -8.83
C ASP A 123 -11.28 6.63 -8.33
N ASN A 124 -11.67 6.56 -7.06
CA ASN A 124 -12.64 7.49 -6.50
C ASN A 124 -12.65 7.31 -4.99
N ASN A 125 -13.26 8.28 -4.33
CA ASN A 125 -13.51 8.21 -2.90
C ASN A 125 -14.66 7.26 -2.61
N GLN A 126 -14.66 6.71 -1.39
CA GLN A 126 -15.71 5.79 -0.98
C GLN A 126 -15.64 5.56 0.52
N SER A 127 -16.81 5.44 1.15
CA SER A 127 -16.87 4.78 2.45
C SER A 127 -16.48 3.32 2.29
N VAL A 128 -16.20 2.66 3.43
CA VAL A 128 -15.58 1.34 3.40
C VAL A 128 -16.33 0.41 2.47
N TYR A 129 -15.58 -0.23 1.58
CA TYR A 129 -16.15 -1.12 0.61
C TYR A 129 -15.11 -2.15 0.24
N THR A 130 -15.57 -3.37 -0.05
CA THR A 130 -14.71 -4.48 -0.45
C THR A 130 -15.00 -4.85 -1.90
N VAL A 131 -13.97 -4.84 -2.74
CA VAL A 131 -14.06 -5.26 -4.13
C VAL A 131 -13.25 -6.52 -4.31
N THR A 132 -13.86 -7.52 -4.97
CA THR A 132 -13.15 -8.69 -5.48
C THR A 132 -12.74 -8.35 -6.91
N HIS A 133 -11.44 -8.23 -7.13
CA HIS A 133 -10.90 -7.80 -8.41
C HIS A 133 -10.68 -9.00 -9.33
N ALA A 134 -10.54 -8.70 -10.62
CA ALA A 134 -10.33 -9.69 -11.65
C ALA A 134 -8.97 -10.36 -11.49
N SER A 135 -8.90 -11.60 -11.96
N SER A 135 -8.88 -11.57 -12.02
CA SER A 135 -7.66 -12.37 -11.84
CA SER A 135 -7.66 -12.33 -11.89
C SER A 135 -6.60 -11.87 -12.81
C SER A 135 -6.57 -11.76 -12.77
N PHE A 136 -5.34 -12.16 -12.45
CA PHE A 136 -4.18 -11.88 -13.27
C PHE A 136 -3.24 -13.07 -13.15
N THR A 137 -2.29 -13.15 -14.08
CA THR A 137 -1.35 -14.25 -14.10
C THR A 137 0.07 -13.76 -13.82
N ILE A 138 0.83 -14.63 -13.17
CA ILE A 138 2.26 -14.48 -12.97
C ILE A 138 2.93 -15.55 -13.82
N SER A 139 3.82 -15.12 -14.72
CA SER A 139 4.41 -16.04 -15.69
C SER A 139 5.62 -16.81 -15.13
N GLU A 140 6.38 -16.19 -14.23
CA GLU A 140 7.64 -16.77 -13.76
C GLU A 140 7.72 -16.63 -12.26
N SER A 141 7.95 -17.76 -11.56
CA SER A 141 8.05 -17.71 -10.11
C SER A 141 9.21 -16.84 -9.67
N GLY A 142 9.01 -16.11 -8.57
CA GLY A 142 10.08 -15.33 -7.98
C GLY A 142 9.52 -14.07 -7.39
N TYR A 143 10.42 -13.13 -7.10
CA TYR A 143 10.02 -11.82 -6.61
C TYR A 143 9.47 -10.99 -7.76
N GLN A 144 8.23 -10.59 -7.64
CA GLN A 144 7.55 -9.74 -8.61
C GLN A 144 7.59 -8.30 -8.11
N ALA A 145 7.74 -7.35 -9.00
CA ALA A 145 7.63 -5.96 -8.59
C ALA A 145 6.19 -5.67 -8.20
N ILE A 146 6.01 -4.87 -7.14
CA ILE A 146 4.68 -4.46 -6.71
C ILE A 146 4.75 -3.03 -6.22
N ASP A 147 3.70 -2.27 -6.51
CA ASP A 147 3.50 -1.01 -5.82
C ASP A 147 2.03 -0.81 -5.52
N MET A 148 1.77 0.05 -4.55
CA MET A 148 0.44 0.38 -4.11
C MET A 148 0.35 1.86 -3.82
N ILE A 149 -0.79 2.45 -4.11
CA ILE A 149 -1.19 3.71 -3.53
C ILE A 149 -2.55 3.53 -2.88
N TRP A 150 -2.78 4.30 -1.81
CA TRP A 150 -4.05 4.37 -1.11
C TRP A 150 -4.14 5.77 -0.54
N TRP A 151 -5.35 6.31 -0.43
CA TRP A 151 -5.48 7.61 0.23
C TRP A 151 -6.78 7.69 1.00
N ASP A 152 -6.81 8.71 1.86
CA ASP A 152 -7.96 9.17 2.62
C ASP A 152 -8.22 10.62 2.29
N GLN A 153 -9.43 10.91 1.78
CA GLN A 153 -9.87 12.28 1.55
C GLN A 153 -10.38 12.94 2.82
N GLY A 154 -10.51 12.19 3.90
CA GLY A 154 -11.10 12.65 5.13
C GLY A 154 -12.06 11.63 5.69
N GLY A 155 -12.32 11.75 6.98
CA GLY A 155 -13.30 10.89 7.64
C GLY A 155 -12.70 9.58 8.11
N ASP A 156 -13.36 8.48 7.74
CA ASP A 156 -12.86 7.16 8.08
CA ASP A 156 -12.87 7.17 8.08
C ASP A 156 -11.79 6.72 7.08
N TYR A 157 -11.06 5.69 7.46
CA TYR A 157 -9.94 5.21 6.64
C TYR A 157 -9.67 3.74 6.99
N VAL A 158 -9.41 2.95 5.96
CA VAL A 158 -9.06 1.54 6.11
C VAL A 158 -8.40 1.10 4.81
N PHE A 159 -7.45 0.16 4.88
CA PHE A 159 -6.83 -0.38 3.68
C PHE A 159 -6.34 -1.78 3.96
N GLN A 160 -6.98 -2.78 3.36
CA GLN A 160 -6.58 -4.18 3.52
C GLN A 160 -6.68 -4.88 2.19
N PRO A 161 -5.56 -4.97 1.44
N PRO A 161 -5.62 -4.83 1.39
CA PRO A 161 -5.56 -5.65 0.13
CA PRO A 161 -5.56 -5.71 0.24
C PRO A 161 -5.10 -7.11 0.20
C PRO A 161 -5.31 -7.12 0.74
N THR A 162 -6.03 -8.04 0.19
CA THR A 162 -5.74 -9.45 0.38
C THR A 162 -5.62 -10.11 -0.99
N LEU A 163 -4.89 -11.22 -1.06
CA LEU A 163 -4.58 -11.88 -2.31
C LEU A 163 -4.94 -13.35 -2.22
N SER A 164 -5.51 -13.89 -3.31
CA SER A 164 -5.82 -15.30 -3.41
C SER A 164 -5.02 -15.93 -4.53
N ALA A 165 -4.48 -17.12 -4.24
CA ALA A 165 -3.77 -17.97 -5.19
C ALA A 165 -4.60 -19.17 -5.61
N ASP A 166 -5.82 -19.32 -5.10
CA ASP A 166 -6.59 -20.55 -5.26
C ASP A 166 -7.98 -20.24 -5.76
N GLY A 167 -8.11 -19.23 -6.62
CA GLY A 167 -9.38 -18.94 -7.25
C GLY A 167 -10.40 -18.30 -6.35
N GLY A 168 -9.95 -17.59 -5.33
CA GLY A 168 -10.87 -16.90 -4.46
C GLY A 168 -11.38 -17.70 -3.30
N SER A 169 -10.83 -18.90 -3.06
N SER A 169 -10.87 -18.89 -3.07
CA SER A 169 -11.24 -19.74 -1.93
CA SER A 169 -11.34 -19.66 -1.91
C SER A 169 -10.64 -19.28 -0.61
C SER A 169 -10.70 -19.15 -0.62
N THR A 170 -9.39 -18.86 -0.64
CA THR A 170 -8.71 -18.33 0.52
C THR A 170 -7.91 -17.10 0.09
N TYR A 171 -7.76 -16.20 1.02
CA TYR A 171 -7.03 -14.96 0.80
C TYR A 171 -6.06 -14.74 1.95
N PHE A 172 -4.94 -14.07 1.64
CA PHE A 172 -3.94 -13.75 2.63
C PHE A 172 -3.54 -12.28 2.55
N VAL A 173 -3.15 -11.73 3.70
CA VAL A 173 -2.51 -10.42 3.77
C VAL A 173 -1.07 -10.53 3.29
N LEU A 174 -0.60 -9.49 2.62
CA LEU A 174 0.79 -9.36 2.22
C LEU A 174 1.61 -8.89 3.41
N ASP A 175 2.59 -9.69 3.82
CA ASP A 175 3.34 -9.43 5.02
C ASP A 175 4.75 -9.99 4.87
N SER A 176 5.48 -10.01 5.97
CA SER A 176 6.88 -10.36 5.95
C SER A 176 7.16 -11.78 5.45
N ALA A 177 6.15 -12.65 5.34
CA ALA A 177 6.41 -13.97 4.77
C ALA A 177 6.92 -13.88 3.34
N ILE A 178 6.46 -12.91 2.56
CA ILE A 178 6.70 -12.89 1.12
C ILE A 178 7.17 -11.54 0.56
N LEU A 179 7.18 -10.48 1.37
CA LEU A 179 7.59 -9.19 0.88
C LEU A 179 9.10 -9.01 0.99
N SER A 180 9.66 -8.25 0.05
CA SER A 180 11.06 -7.88 0.07
C SER A 180 11.20 -6.45 -0.43
N SER A 181 11.98 -5.64 0.26
CA SER A 181 12.12 -4.25 -0.13
C SER A 181 12.92 -4.08 -1.42
N THR A 182 13.87 -4.97 -1.68
CA THR A 182 14.78 -4.81 -2.80
C THR A 182 14.72 -5.94 -3.83
N GLY A 183 14.06 -7.04 -3.50
CA GLY A 183 14.07 -8.21 -4.36
C GLY A 183 15.11 -9.24 -3.99
N GLU A 184 15.98 -8.93 -3.03
CA GLU A 184 16.83 -9.94 -2.42
C GLU A 184 16.06 -10.64 -1.31
N THR A 185 16.54 -11.82 -0.95
CA THR A 185 15.85 -12.59 0.08
C THR A 185 16.08 -11.98 1.45
N PRO A 186 15.05 -11.62 2.20
CA PRO A 186 15.28 -11.09 3.55
C PRO A 186 15.41 -12.23 4.54
N TYR A 187 16.38 -12.13 5.45
CA TYR A 187 16.63 -12.99 6.62
C TYR A 187 16.63 -12.07 7.87
C1 GLC B . -19.21 10.66 3.98
C2 GLC B . -19.34 12.12 4.39
C3 GLC B . -19.53 12.21 5.86
C4 GLC B . -20.71 11.39 6.33
C5 GLC B . -20.55 9.93 5.91
C6 GLC B . -21.71 9.06 6.29
O2 GLC B . -18.15 12.80 3.96
O3 GLC B . -19.71 13.61 6.19
O4 GLC B . -20.78 11.47 7.76
O5 GLC B . -20.41 9.88 4.46
O6 GLC B . -22.78 9.20 5.40
H1 GLC B . -19.15 10.55 3.02
H2 GLC B . -20.10 12.55 3.96
H3 GLC B . -18.74 11.89 6.32
H4 GLC B . -21.53 11.75 5.97
H5 GLC B . -19.80 9.56 6.41
H61 GLC B . -21.42 8.14 6.29
H62 GLC B . -22.01 9.30 7.18
HO2 GLC B . -18.36 13.42 3.42
HO3 GLC B . -19.12 13.84 6.76
HO4 GLC B . -21.48 11.87 7.98
HO6 GLC B . -23.37 8.62 5.57
C1 GLC B . -17.89 8.88 4.12
C2 GLC B . -16.75 8.22 4.87
C3 GLC B . -15.45 8.79 4.42
C4 GLC B . -15.25 8.68 2.92
C5 GLC B . -16.39 9.41 2.23
C6 GLC B . -16.30 9.32 0.74
O1 GLC B . -18.02 10.18 4.53
O2 GLC B . -16.94 8.39 6.26
O3 GLC B . -14.36 8.15 5.10
O4 GLC B . -14.01 9.29 2.60
O5 GLC B . -17.65 8.83 2.67
O6 GLC B . -17.40 10.08 0.18
H1 GLC B . -18.73 8.43 4.35
H2 GLC B . -16.73 7.26 4.70
H3 GLC B . -15.43 9.73 4.64
H4 GLC B . -15.22 7.76 2.61
H5 GLC B . -16.34 10.36 2.43
H61 GLC B . -15.46 9.70 0.43
H62 GLC B . -16.36 8.39 0.46
HO2 GLC B . -17.04 7.63 6.63
HO3 GLC B . -13.76 8.72 5.31
HO4 GLC B . -13.41 8.68 2.55
HO6 GLC B . -17.30 10.15 -0.67
CA CA C . -12.12 8.58 4.08
CA CA D . -10.45 16.23 1.82
CA CA E . 6.34 -2.70 14.94
CA CA F . 0.85 13.43 13.42
CA CA G . 19.63 2.74 -4.05
CA CA H . 8.01 12.28 -3.95
CA CA I . -3.77 -2.85 12.95
#